data_6HGN
#
_entry.id   6HGN
#
_cell.length_a   84.832
_cell.length_b   84.832
_cell.length_c   97.066
_cell.angle_alpha   90.00
_cell.angle_beta   90.00
_cell.angle_gamma   120.00
#
_symmetry.space_group_name_H-M   'P 31 2 1'
#
loop_
_entity.id
_entity.type
_entity.pdbx_description
1 polymer Alpha-1-antichymotrypsin
2 polymer Alpha-1-antichymotrypsin
3 non-polymer 1,2-ETHANEDIOL
4 water water
#
loop_
_entity_poly.entity_id
_entity_poly.type
_entity_poly.pdbx_seq_one_letter_code
_entity_poly.pdbx_strand_id
1 'polypeptide(L)'
;MKHHHHHHMKQNSPLDEENLTQENQDRGTHVDRGLASANVDFAFSLYKQLVLKAPDKNVIFSPVSISTALAFLSLGAHNT
TLTEILKGLKFNLTETSEAEIHQSFQHLLRTLNQSSDELQLSMGNAMFVKEQLSLLDRFTEDAKRLYGSEAFATDFQDSA
AAKKLINDYVKNGTRGKITDLIKDLDSQTMMVLVNYIFFKAKFEMPFDPQDTHQSRFYLSKKKYVMVPMMSLHHLTIPYF
RDEELSCTVVQLNYTGNASALFILPDQDKMEEVEAMLSQETLSRFFESLEFREIGELYLPKFSISRDYNLNDILLQLGIE
EAFTSKADLSGITGARNLAVSQVVHKAVLDVFEEGTERSAATALEVLFQ
;
A
2 'polypeptide(L)' GPLVETRTIVRFNRPFLMIIVDNFTWSIFFMSKVTNPKQA B
#
loop_
_chem_comp.id
_chem_comp.type
_chem_comp.name
_chem_comp.formula
EDO non-polymer 1,2-ETHANEDIOL 'C2 H6 O2'
#
# COMPACT_ATOMS: atom_id res chain seq x y z
N GLY A 34 -12.17 11.45 11.79
CA GLY A 34 -13.02 11.04 10.69
C GLY A 34 -12.23 10.47 9.53
N LEU A 35 -11.13 11.15 9.20
CA LEU A 35 -10.22 10.61 8.19
C LEU A 35 -9.56 9.32 8.67
N ALA A 36 -9.30 9.21 9.97
CA ALA A 36 -8.65 8.02 10.50
C ALA A 36 -9.54 6.79 10.38
N SER A 37 -10.83 6.94 10.68
CA SER A 37 -11.77 5.84 10.52
CA SER A 37 -11.76 5.83 10.53
C SER A 37 -11.85 5.37 9.08
N ALA A 38 -11.78 6.32 8.14
CA ALA A 38 -11.84 5.97 6.72
C ALA A 38 -10.59 5.21 6.30
N ASN A 39 -9.42 5.70 6.70
CA ASN A 39 -8.16 5.08 6.31
C ASN A 39 -8.08 3.63 6.77
N VAL A 40 -8.44 3.37 8.04
CA VAL A 40 -8.34 2.01 8.56
C VAL A 40 -9.39 1.10 7.93
N ASP A 41 -10.64 1.58 7.85
CA ASP A 41 -11.69 0.81 7.21
C ASP A 41 -11.28 0.43 5.79
N PHE A 42 -10.70 1.39 5.05
CA PHE A 42 -10.29 1.08 3.68
C PHE A 42 -9.19 0.03 3.66
N ALA A 43 -8.17 0.21 4.51
CA ALA A 43 -7.02 -0.69 4.48
C ALA A 43 -7.44 -2.11 4.84
N PHE A 44 -8.25 -2.25 5.88
CA PHE A 44 -8.64 -3.59 6.30
C PHE A 44 -9.66 -4.22 5.35
N SER A 45 -10.56 -3.42 4.77
CA SER A 45 -11.48 -3.96 3.78
C SER A 45 -10.72 -4.51 2.59
N LEU A 46 -9.76 -3.73 2.09
CA LEU A 46 -8.94 -4.18 0.97
C LEU A 46 -8.13 -5.41 1.34
N TYR A 47 -7.51 -5.39 2.52
CA TYR A 47 -6.71 -6.54 2.96
C TYR A 47 -7.52 -7.84 2.88
N LYS A 48 -8.73 -7.82 3.44
CA LYS A 48 -9.55 -9.02 3.48
C LYS A 48 -9.96 -9.46 2.08
N GLN A 49 -10.24 -8.47 1.27
CA GLN A 49 -10.50 -8.83 -0.11
CA GLN A 49 -10.51 -8.81 -0.12
C GLN A 49 -9.26 -9.52 -0.94
N LEU A 50 -8.08 -8.98 -0.59
CA LEU A 50 -6.89 -9.58 -1.19
C LEU A 50 -6.69 -11.00 -0.67
N VAL A 51 -6.91 -11.22 0.63
CA VAL A 51 -6.77 -12.56 1.20
C VAL A 51 -7.78 -13.51 0.59
N LEU A 52 -9.02 -13.05 0.42
CA LEU A 52 -10.09 -13.91 -0.04
C LEU A 52 -9.75 -14.59 -1.37
N LYS A 53 -8.99 -13.90 -2.25
CA LYS A 53 -8.65 -14.48 -3.54
C LYS A 53 -7.69 -15.65 -3.41
N ALA A 54 -6.86 -15.69 -2.35
CA ALA A 54 -5.93 -16.80 -2.12
C ALA A 54 -5.52 -16.78 -0.65
N PRO A 55 -6.29 -17.45 0.21
CA PRO A 55 -6.14 -17.24 1.66
C PRO A 55 -4.84 -17.72 2.27
N ASP A 56 -4.05 -18.52 1.58
CA ASP A 56 -2.79 -19.01 2.14
C ASP A 56 -1.56 -18.30 1.54
N LYS A 57 -1.76 -17.32 0.65
CA LYS A 57 -0.62 -16.66 0.04
C LYS A 57 -0.12 -15.48 0.89
N ASN A 58 1.16 -15.17 0.73
CA ASN A 58 1.67 -13.91 1.26
C ASN A 58 0.86 -12.76 0.69
N VAL A 59 0.63 -11.74 1.51
CA VAL A 59 0.01 -10.49 1.10
C VAL A 59 0.97 -9.35 1.40
N ILE A 60 1.19 -8.47 0.43
CA ILE A 60 1.98 -7.26 0.61
C ILE A 60 1.30 -6.18 -0.23
N PHE A 61 0.96 -5.06 0.40
CA PHE A 61 0.33 -3.97 -0.35
C PHE A 61 0.45 -2.67 0.43
N SER A 62 0.24 -1.57 -0.29
CA SER A 62 0.19 -0.25 0.32
C SER A 62 -1.22 0.35 0.18
N PRO A 63 -2.00 0.39 1.26
CA PRO A 63 -3.31 1.04 1.17
C PRO A 63 -3.22 2.48 0.68
N VAL A 64 -2.23 3.23 1.16
CA VAL A 64 -2.19 4.65 0.82
CA VAL A 64 -2.15 4.65 0.83
C VAL A 64 -1.81 4.85 -0.64
N SER A 65 -0.98 3.99 -1.21
CA SER A 65 -0.68 4.12 -2.64
C SER A 65 -1.95 4.02 -3.46
N ILE A 66 -2.81 3.04 -3.13
CA ILE A 66 -4.03 2.81 -3.89
C ILE A 66 -5.01 3.94 -3.67
N SER A 67 -5.21 4.33 -2.41
CA SER A 67 -6.17 5.40 -2.16
C SER A 67 -5.71 6.72 -2.75
N THR A 68 -4.40 7.01 -2.72
CA THR A 68 -3.91 8.26 -3.30
C THR A 68 -4.16 8.29 -4.80
N ALA A 69 -3.92 7.17 -5.49
CA ALA A 69 -4.18 7.13 -6.93
C ALA A 69 -5.65 7.35 -7.23
N LEU A 70 -6.55 6.72 -6.46
CA LEU A 70 -7.97 6.89 -6.69
C LEU A 70 -8.46 8.28 -6.32
N ALA A 71 -7.93 8.87 -5.24
CA ALA A 71 -8.29 10.24 -4.87
C ALA A 71 -7.81 11.22 -5.95
N PHE A 72 -6.62 11.00 -6.49
CA PHE A 72 -6.11 11.78 -7.64
C PHE A 72 -7.08 11.70 -8.82
N LEU A 73 -7.49 10.49 -9.18
CA LEU A 73 -8.47 10.35 -10.26
C LEU A 73 -9.73 11.16 -9.97
N SER A 74 -10.20 11.14 -8.70
CA SER A 74 -11.46 11.80 -8.36
C SER A 74 -11.40 13.31 -8.55
N LEU A 75 -10.20 13.88 -8.60
CA LEU A 75 -10.07 15.30 -8.92
CA LEU A 75 -10.07 15.30 -8.92
C LEU A 75 -10.76 15.64 -10.24
N GLY A 76 -10.83 14.69 -11.14
CA GLY A 76 -11.46 14.89 -12.44
C GLY A 76 -12.81 14.26 -12.63
N ALA A 77 -13.39 13.67 -11.59
CA ALA A 77 -14.65 12.97 -11.66
C ALA A 77 -15.80 13.88 -11.23
N HIS A 78 -17.00 13.56 -11.72
CA HIS A 78 -18.21 14.26 -11.32
C HIS A 78 -19.35 13.27 -11.06
N ASN A 79 -20.37 13.77 -10.36
CA ASN A 79 -21.65 13.06 -10.19
C ASN A 79 -21.41 11.68 -9.60
N THR A 80 -22.10 10.64 -10.08
CA THR A 80 -22.04 9.33 -9.44
C THR A 80 -20.65 8.73 -9.53
N THR A 81 -19.92 9.02 -10.60
CA THR A 81 -18.55 8.50 -10.70
C THR A 81 -17.72 8.98 -9.52
N LEU A 82 -17.83 10.28 -9.21
CA LEU A 82 -17.11 10.88 -8.10
C LEU A 82 -17.56 10.33 -6.75
N THR A 83 -18.88 10.31 -6.51
CA THR A 83 -19.35 9.89 -5.20
C THR A 83 -19.00 8.43 -4.93
N GLU A 84 -19.06 7.58 -5.96
CA GLU A 84 -18.68 6.19 -5.78
C GLU A 84 -17.21 6.05 -5.41
N ILE A 85 -16.33 6.82 -6.05
CA ILE A 85 -14.91 6.70 -5.73
C ILE A 85 -14.69 7.04 -4.26
N LEU A 86 -15.19 8.20 -3.83
CA LEU A 86 -14.90 8.69 -2.48
C LEU A 86 -15.54 7.81 -1.42
N LYS A 87 -16.75 7.32 -1.69
CA LYS A 87 -17.37 6.38 -0.76
C LYS A 87 -16.62 5.05 -0.74
N GLY A 88 -16.08 4.64 -1.88
CA GLY A 88 -15.31 3.41 -1.92
C GLY A 88 -14.03 3.47 -1.10
N LEU A 89 -13.44 4.64 -1.00
CA LEU A 89 -12.30 4.89 -0.11
C LEU A 89 -12.73 5.06 1.34
N LYS A 90 -14.03 4.89 1.61
CA LYS A 90 -14.61 4.88 2.96
C LYS A 90 -14.73 6.26 3.58
N PHE A 91 -14.65 7.32 2.79
CA PHE A 91 -14.93 8.64 3.32
C PHE A 91 -16.44 8.82 3.43
N ASN A 92 -16.87 9.56 4.43
CA ASN A 92 -18.26 9.99 4.50
C ASN A 92 -18.30 11.48 4.16
N LEU A 93 -19.02 11.80 3.11
CA LEU A 93 -19.02 13.13 2.55
C LEU A 93 -19.85 14.10 3.38
N THR A 94 -20.48 13.66 4.46
CA THR A 94 -21.16 14.58 5.36
C THR A 94 -20.23 15.14 6.43
N GLU A 95 -19.24 14.37 6.87
CA GLU A 95 -18.26 14.93 7.81
C GLU A 95 -17.12 15.62 7.07
N THR A 96 -16.72 15.08 5.93
CA THR A 96 -15.53 15.51 5.23
C THR A 96 -15.92 15.95 3.82
N SER A 97 -15.58 17.18 3.47
CA SER A 97 -15.84 17.69 2.14
C SER A 97 -14.75 17.23 1.19
N GLU A 98 -15.06 17.32 -0.10
CA GLU A 98 -14.10 17.00 -1.16
C GLU A 98 -12.80 17.76 -0.96
N ALA A 99 -12.88 19.06 -0.66
CA ALA A 99 -11.66 19.84 -0.50
C ALA A 99 -10.83 19.35 0.67
N GLU A 100 -11.47 18.98 1.77
CA GLU A 100 -10.75 18.47 2.92
C GLU A 100 -10.10 17.12 2.63
N ILE A 101 -10.75 16.29 1.81
CA ILE A 101 -10.15 15.01 1.43
C ILE A 101 -8.87 15.26 0.64
N HIS A 102 -8.94 16.10 -0.39
CA HIS A 102 -7.75 16.35 -1.18
C HIS A 102 -6.66 17.01 -0.35
N GLN A 103 -7.04 17.92 0.55
CA GLN A 103 -6.05 18.52 1.44
C GLN A 103 -5.37 17.46 2.29
N SER A 104 -6.11 16.43 2.74
CA SER A 104 -5.47 15.38 3.54
C SER A 104 -4.44 14.60 2.73
N PHE A 105 -4.74 14.35 1.45
CA PHE A 105 -3.77 13.67 0.60
C PHE A 105 -2.56 14.54 0.31
N GLN A 106 -2.77 15.85 0.11
CA GLN A 106 -1.64 16.74 -0.09
C GLN A 106 -0.72 16.72 1.13
N HIS A 107 -1.31 16.77 2.32
CA HIS A 107 -0.50 16.75 3.53
C HIS A 107 0.20 15.41 3.67
N LEU A 108 -0.52 14.33 3.42
CA LEU A 108 0.08 13.00 3.51
C LEU A 108 1.26 12.88 2.56
N LEU A 109 1.09 13.36 1.33
CA LEU A 109 2.19 13.30 0.37
C LEU A 109 3.43 13.97 0.93
N ARG A 110 3.28 15.10 1.61
CA ARG A 110 4.43 15.79 2.19
C ARG A 110 5.03 15.06 3.38
N THR A 111 4.22 14.35 4.18
CA THR A 111 4.80 13.59 5.27
C THR A 111 5.59 12.37 4.77
N LEU A 112 5.27 11.86 3.58
CA LEU A 112 5.94 10.69 3.03
C LEU A 112 7.13 11.03 2.13
N ASN A 113 7.67 12.23 2.23
CA ASN A 113 8.92 12.57 1.56
C ASN A 113 9.88 13.13 2.61
N GLN A 114 10.74 12.25 3.14
CA GLN A 114 11.61 12.56 4.27
C GLN A 114 12.91 11.78 4.14
N SER A 115 13.99 12.34 4.70
CA SER A 115 15.30 11.71 4.68
C SER A 115 16.04 11.98 5.99
N SER A 116 16.59 10.92 6.56
CA SER A 116 17.41 11.03 7.76
C SER A 116 18.35 9.83 7.78
N ASP A 117 19.27 9.83 8.73
CA ASP A 117 20.15 8.66 8.90
C ASP A 117 19.34 7.43 9.28
N GLU A 118 18.14 7.61 9.82
CA GLU A 118 17.28 6.51 10.20
C GLU A 118 16.31 6.10 9.10
N LEU A 119 15.96 7.02 8.19
CA LEU A 119 14.83 6.80 7.31
C LEU A 119 15.05 7.41 5.93
N GLN A 120 14.48 6.75 4.93
CA GLN A 120 14.29 7.31 3.60
C GLN A 120 12.86 6.99 3.20
N LEU A 121 12.05 8.01 3.01
CA LEU A 121 10.67 7.88 2.57
C LEU A 121 10.47 8.75 1.34
N SER A 122 9.77 8.21 0.34
CA SER A 122 9.43 8.95 -0.86
C SER A 122 8.05 8.53 -1.34
N MET A 123 7.29 9.48 -1.88
CA MET A 123 6.04 9.17 -2.54
CA MET A 123 6.03 9.18 -2.54
C MET A 123 5.84 10.17 -3.66
N GLY A 124 5.43 9.68 -4.82
CA GLY A 124 5.21 10.54 -5.97
C GLY A 124 3.99 10.09 -6.75
N ASN A 125 3.43 11.04 -7.48
CA ASN A 125 2.34 10.83 -8.41
C ASN A 125 2.70 11.42 -9.76
N ALA A 126 2.19 10.80 -10.83
CA ALA A 126 2.38 11.28 -12.18
C ALA A 126 1.22 10.90 -13.07
N MET A 127 1.03 11.66 -14.15
CA MET A 127 0.10 11.28 -15.21
CA MET A 127 0.11 11.30 -15.21
C MET A 127 0.86 11.19 -16.51
N PHE A 128 0.66 10.11 -17.23
CA PHE A 128 1.20 9.87 -18.56
C PHE A 128 0.03 9.99 -19.51
N VAL A 129 0.10 10.94 -20.45
CA VAL A 129 -1.06 11.36 -21.22
C VAL A 129 -0.73 11.38 -22.69
N LYS A 130 -1.64 10.86 -23.51
CA LYS A 130 -1.50 10.93 -24.96
C LYS A 130 -1.17 12.36 -25.36
N GLU A 131 -0.14 12.57 -26.20
N GLU A 131 -0.09 12.47 -26.15
CA GLU A 131 0.42 13.92 -26.34
CA GLU A 131 0.37 13.75 -26.64
C GLU A 131 -0.62 14.96 -26.75
C GLU A 131 -0.79 14.44 -27.34
N GLN A 132 -1.51 14.63 -27.68
N GLN A 132 -1.02 15.68 -26.97
CA GLN A 132 -2.44 15.62 -28.22
CA GLN A 132 -2.03 16.56 -27.55
C GLN A 132 -3.72 15.77 -27.40
C GLN A 132 -3.43 16.35 -26.98
N LEU A 133 -3.87 15.03 -26.31
N LEU A 133 -3.66 15.33 -26.14
CA LEU A 133 -5.09 15.12 -25.54
CA LEU A 133 -4.97 15.17 -25.52
C LEU A 133 -5.14 16.41 -24.74
C LEU A 133 -5.21 16.37 -24.60
N SER A 134 -6.25 17.14 -24.87
CA SER A 134 -6.44 18.40 -24.19
C SER A 134 -6.96 18.17 -22.77
N LEU A 135 -6.25 18.72 -21.80
CA LEU A 135 -6.64 18.62 -20.40
C LEU A 135 -7.06 19.98 -19.86
N LEU A 136 -8.05 20.00 -18.98
CA LEU A 136 -8.46 21.27 -18.39
C LEU A 136 -7.37 21.85 -17.49
N ASP A 137 -7.22 23.18 -17.52
CA ASP A 137 -6.22 23.82 -16.68
C ASP A 137 -6.53 23.60 -15.20
N ARG A 138 -7.81 23.62 -14.82
CA ARG A 138 -8.15 23.36 -13.42
C ARG A 138 -7.60 22.00 -12.98
N PHE A 139 -7.72 20.99 -13.84
CA PHE A 139 -7.24 19.66 -13.48
C PHE A 139 -5.73 19.60 -13.35
N THR A 140 -4.99 20.15 -14.33
CA THR A 140 -3.52 20.06 -14.23
C THR A 140 -2.99 20.96 -13.12
N GLU A 141 -3.67 22.08 -12.86
CA GLU A 141 -3.30 22.92 -11.71
C GLU A 141 -3.51 22.17 -10.41
N ASP A 142 -4.72 21.59 -10.23
CA ASP A 142 -5.02 20.85 -9.00
C ASP A 142 -4.09 19.65 -8.83
N ALA A 143 -3.81 18.93 -9.93
CA ALA A 143 -3.00 17.73 -9.86
C ALA A 143 -1.59 18.05 -9.37
N LYS A 144 -1.01 19.16 -9.86
CA LYS A 144 0.34 19.52 -9.41
C LYS A 144 0.33 20.01 -7.97
N ARG A 145 -0.63 20.87 -7.63
CA ARG A 145 -0.65 21.53 -6.32
C ARG A 145 -0.96 20.53 -5.21
N LEU A 146 -1.98 19.68 -5.43
CA LEU A 146 -2.49 18.78 -4.40
C LEU A 146 -1.77 17.43 -4.40
N TYR A 147 -1.42 16.91 -5.58
CA TYR A 147 -0.84 15.57 -5.71
C TYR A 147 0.60 15.57 -6.18
N GLY A 148 1.17 16.72 -6.45
CA GLY A 148 2.54 16.80 -6.89
C GLY A 148 2.80 16.16 -8.24
N SER A 149 1.77 16.13 -9.04
CA SER A 149 1.86 15.44 -10.29
C SER A 149 2.11 16.30 -11.49
N GLU A 150 3.06 15.88 -12.30
CA GLU A 150 3.24 16.51 -13.58
C GLU A 150 2.50 15.66 -14.62
N ALA A 151 2.50 16.14 -15.83
CA ALA A 151 1.93 15.47 -16.93
C ALA A 151 3.04 15.18 -17.96
N PHE A 152 3.19 13.95 -18.35
CA PHE A 152 4.23 13.49 -19.29
CA PHE A 152 4.21 13.55 -19.32
C PHE A 152 3.54 13.14 -20.61
N ALA A 153 3.89 13.83 -21.68
CA ALA A 153 3.38 13.44 -22.99
C ALA A 153 3.91 12.07 -23.38
N THR A 154 3.01 11.19 -23.82
CA THR A 154 3.31 9.77 -24.01
C THR A 154 2.66 9.30 -25.30
N ASP A 155 3.41 8.54 -26.10
CA ASP A 155 2.88 7.91 -27.32
C ASP A 155 2.52 6.47 -26.98
N PHE A 156 1.27 6.26 -26.55
CA PHE A 156 0.80 4.92 -26.19
C PHE A 156 0.71 3.98 -27.38
N GLN A 157 0.64 4.50 -28.61
CA GLN A 157 0.59 3.62 -29.78
C GLN A 157 1.91 2.90 -30.00
N ASP A 158 3.01 3.44 -29.48
CA ASP A 158 4.27 2.69 -29.37
C ASP A 158 4.28 2.07 -27.98
N SER A 159 3.57 0.94 -27.85
CA SER A 159 3.30 0.39 -26.53
C SER A 159 4.60 0.06 -25.79
N ALA A 160 5.57 -0.55 -26.48
CA ALA A 160 6.81 -0.90 -25.80
C ALA A 160 7.49 0.33 -25.22
N ALA A 161 7.50 1.43 -25.98
CA ALA A 161 8.15 2.64 -25.51
C ALA A 161 7.39 3.27 -24.36
N ALA A 162 6.06 3.25 -24.42
CA ALA A 162 5.26 3.86 -23.36
C ALA A 162 5.41 3.08 -22.06
N LYS A 163 5.40 1.74 -22.15
CA LYS A 163 5.61 0.92 -20.97
C LYS A 163 6.97 1.19 -20.35
N LYS A 164 8.01 1.33 -21.18
CA LYS A 164 9.34 1.62 -20.63
C LYS A 164 9.35 2.96 -19.90
N LEU A 165 8.73 3.97 -20.49
CA LEU A 165 8.68 5.28 -19.86
C LEU A 165 8.04 5.22 -18.48
N ILE A 166 6.90 4.53 -18.38
CA ILE A 166 6.20 4.45 -17.11
C ILE A 166 6.97 3.58 -16.11
N ASN A 167 7.42 2.40 -16.56
CA ASN A 167 8.13 1.50 -15.67
C ASN A 167 9.43 2.14 -15.17
N ASP A 168 10.08 2.94 -16.02
CA ASP A 168 11.30 3.62 -15.59
C ASP A 168 11.01 4.67 -14.52
N TYR A 169 9.90 5.41 -14.66
CA TYR A 169 9.49 6.36 -13.62
C TYR A 169 9.31 5.64 -12.28
N VAL A 170 8.64 4.49 -12.30
CA VAL A 170 8.43 3.75 -11.08
C VAL A 170 9.74 3.16 -10.54
N LYS A 171 10.59 2.63 -11.44
CA LYS A 171 11.89 2.14 -11.02
C LYS A 171 12.70 3.23 -10.33
N ASN A 172 12.72 4.43 -10.92
CA ASN A 172 13.46 5.54 -10.33
C ASN A 172 12.92 5.88 -8.96
N GLY A 173 11.60 6.03 -8.84
CA GLY A 173 11.01 6.40 -7.56
C GLY A 173 11.20 5.36 -6.48
N THR A 174 11.20 4.07 -6.83
CA THR A 174 11.35 2.99 -5.87
C THR A 174 12.78 2.48 -5.75
N ARG A 175 13.76 3.23 -6.24
CA ARG A 175 15.17 2.81 -6.10
C ARG A 175 15.43 1.45 -6.69
N GLY A 176 14.78 1.15 -7.82
CA GLY A 176 14.97 -0.12 -8.47
C GLY A 176 14.17 -1.28 -7.91
N LYS A 177 13.33 -1.06 -6.90
CA LYS A 177 12.63 -2.18 -6.27
C LYS A 177 11.39 -2.63 -7.04
N ILE A 178 10.71 -1.75 -7.77
CA ILE A 178 9.56 -2.12 -8.60
C ILE A 178 9.87 -1.70 -10.03
N THR A 179 10.03 -2.67 -10.94
CA THR A 179 10.50 -2.34 -12.29
C THR A 179 9.58 -2.77 -13.42
N ASP A 180 8.57 -3.60 -13.15
CA ASP A 180 7.66 -4.15 -14.15
C ASP A 180 6.20 -3.98 -13.72
N LEU A 181 5.87 -2.82 -13.15
CA LEU A 181 4.48 -2.59 -12.75
C LEU A 181 3.53 -2.80 -13.92
N ILE A 182 3.90 -2.30 -15.09
CA ILE A 182 3.09 -2.40 -16.28
C ILE A 182 3.64 -3.52 -17.14
N LYS A 183 2.85 -4.58 -17.28
CA LYS A 183 3.17 -5.69 -18.17
C LYS A 183 2.50 -5.51 -19.53
N ASP A 184 1.17 -5.48 -19.56
CA ASP A 184 0.42 -5.27 -20.79
C ASP A 184 -0.17 -3.86 -20.76
N LEU A 185 -0.17 -3.20 -21.91
CA LEU A 185 -0.71 -1.85 -21.99
C LEU A 185 -1.36 -1.67 -23.35
N ASP A 186 -2.66 -1.39 -23.35
CA ASP A 186 -3.43 -1.22 -24.58
C ASP A 186 -2.85 -0.08 -25.39
N SER A 187 -2.67 -0.31 -26.69
CA SER A 187 -2.10 0.71 -27.56
C SER A 187 -3.02 1.91 -27.68
N GLN A 188 -4.31 1.77 -27.33
CA GLN A 188 -5.28 2.85 -27.40
C GLN A 188 -5.47 3.55 -26.05
N THR A 189 -4.57 3.31 -25.10
CA THR A 189 -4.63 4.02 -23.83
C THR A 189 -4.53 5.52 -24.05
N MET A 190 -5.31 6.27 -23.26
CA MET A 190 -5.27 7.73 -23.26
C MET A 190 -4.45 8.32 -22.14
N MET A 191 -4.50 7.70 -20.96
CA MET A 191 -3.67 8.18 -19.85
CA MET A 191 -3.82 8.22 -19.77
C MET A 191 -3.51 7.06 -18.84
N VAL A 192 -2.44 7.20 -18.07
CA VAL A 192 -2.14 6.33 -16.93
C VAL A 192 -1.77 7.24 -15.78
N LEU A 193 -2.48 7.12 -14.67
CA LEU A 193 -2.14 7.81 -13.43
CA LEU A 193 -2.15 7.81 -13.42
C LEU A 193 -1.35 6.83 -12.57
N VAL A 194 -0.25 7.28 -12.01
CA VAL A 194 0.68 6.42 -11.28
C VAL A 194 1.01 7.03 -9.92
N ASN A 195 1.04 6.19 -8.90
CA ASN A 195 1.56 6.52 -7.59
C ASN A 195 2.64 5.51 -7.24
N TYR A 196 3.71 5.98 -6.59
CA TYR A 196 4.69 5.08 -6.00
C TYR A 196 5.01 5.53 -4.58
N ILE A 197 5.44 4.57 -3.76
CA ILE A 197 5.87 4.83 -2.39
C ILE A 197 7.11 3.98 -2.12
N PHE A 198 8.07 4.55 -1.40
CA PHE A 198 9.32 3.90 -1.03
C PHE A 198 9.61 4.20 0.43
N PHE A 199 10.02 3.18 1.18
CA PHE A 199 10.26 3.32 2.61
C PHE A 199 11.44 2.44 3.00
N LYS A 200 12.49 3.05 3.50
CA LYS A 200 13.64 2.31 3.99
C LYS A 200 13.97 2.82 5.38
N ALA A 201 14.17 1.89 6.31
CA ALA A 201 14.36 2.29 7.70
C ALA A 201 15.35 1.36 8.37
N LYS A 202 16.15 1.91 9.27
CA LYS A 202 17.04 1.11 10.10
C LYS A 202 16.30 0.69 11.36
N PHE A 203 16.55 -0.54 11.81
CA PHE A 203 16.09 -0.92 13.13
C PHE A 203 16.81 -0.09 14.19
N GLU A 204 16.08 0.31 15.24
CA GLU A 204 16.70 0.93 16.40
C GLU A 204 17.81 0.05 16.96
N MET A 205 17.54 -1.24 17.10
CA MET A 205 18.56 -2.22 17.50
C MET A 205 18.75 -3.22 16.38
N PRO A 206 19.83 -3.11 15.60
CA PRO A 206 20.00 -4.04 14.47
C PRO A 206 20.33 -5.43 14.95
N PHE A 207 19.99 -6.40 14.13
CA PHE A 207 20.42 -7.78 14.34
C PHE A 207 21.87 -7.94 13.91
N ASP A 208 22.62 -8.75 14.65
CA ASP A 208 23.96 -9.12 14.23
C ASP A 208 23.87 -10.29 13.26
N PRO A 209 24.38 -10.15 12.04
CA PRO A 209 24.33 -11.27 11.08
C PRO A 209 25.00 -12.53 11.58
N GLN A 210 25.92 -12.43 12.55
CA GLN A 210 26.56 -13.62 13.11
C GLN A 210 25.56 -14.52 13.82
N ASP A 211 24.44 -13.95 14.27
CA ASP A 211 23.39 -14.66 14.99
C ASP A 211 22.22 -15.08 14.09
N THR A 212 22.35 -14.95 12.78
CA THR A 212 21.32 -15.44 11.86
C THR A 212 21.63 -16.89 11.48
N HIS A 213 20.64 -17.76 11.70
CA HIS A 213 20.83 -19.19 11.49
C HIS A 213 19.58 -19.80 10.87
N GLN A 214 19.78 -20.85 10.08
CA GLN A 214 18.64 -21.54 9.47
C GLN A 214 17.79 -22.18 10.55
N SER A 215 16.48 -21.96 10.47
CA SER A 215 15.55 -22.44 11.47
CA SER A 215 15.55 -22.46 11.47
C SER A 215 14.22 -22.74 10.80
N ARG A 216 13.41 -23.54 11.48
CA ARG A 216 12.10 -23.88 10.94
C ARG A 216 11.18 -22.67 10.89
N PHE A 217 10.41 -22.59 9.80
CA PHE A 217 9.22 -21.73 9.71
C PHE A 217 8.04 -22.65 9.39
N TYR A 218 7.04 -22.63 10.27
CA TYR A 218 5.87 -23.49 10.19
C TYR A 218 4.78 -22.79 9.37
N LEU A 219 4.65 -23.19 8.11
CA LEU A 219 3.52 -22.74 7.31
C LEU A 219 2.21 -23.20 7.93
N SER A 220 2.21 -24.40 8.48
CA SER A 220 1.12 -24.92 9.27
C SER A 220 1.76 -25.79 10.35
N LYS A 221 0.95 -26.35 11.24
CA LYS A 221 1.48 -27.26 12.25
C LYS A 221 2.32 -28.35 11.60
N LYS A 222 1.91 -28.84 10.43
CA LYS A 222 2.50 -30.02 9.82
C LYS A 222 3.38 -29.74 8.60
N LYS A 223 3.49 -28.49 8.16
CA LYS A 223 4.28 -28.16 6.98
C LYS A 223 5.29 -27.10 7.37
N TYR A 224 6.56 -27.38 7.16
CA TYR A 224 7.59 -26.42 7.57
C TYR A 224 8.79 -26.52 6.64
N VAL A 225 9.47 -25.37 6.51
CA VAL A 225 10.66 -25.19 5.70
C VAL A 225 11.72 -24.57 6.60
N MET A 226 12.95 -24.52 6.10
CA MET A 226 14.06 -23.85 6.79
C MET A 226 14.30 -22.48 6.16
N VAL A 227 14.42 -21.47 7.01
CA VAL A 227 14.66 -20.09 6.57
C VAL A 227 15.74 -19.48 7.44
N PRO A 228 16.45 -18.46 6.92
CA PRO A 228 17.39 -17.72 7.78
C PRO A 228 16.63 -16.93 8.83
N MET A 229 16.95 -17.18 10.08
CA MET A 229 16.23 -16.61 11.22
C MET A 229 17.19 -15.72 11.99
N MET A 230 16.92 -14.42 11.99
CA MET A 230 17.71 -13.46 12.74
C MET A 230 17.32 -13.54 14.21
N SER A 231 18.26 -13.15 15.08
CA SER A 231 17.92 -13.20 16.50
C SER A 231 18.60 -12.09 17.26
N LEU A 232 17.91 -11.62 18.29
CA LEU A 232 18.41 -10.63 19.23
C LEU A 232 18.09 -11.08 20.64
N HIS A 233 18.93 -10.72 21.60
CA HIS A 233 18.72 -11.09 22.98
C HIS A 233 18.64 -9.86 23.88
N HIS A 234 17.90 -9.93 24.97
CA HIS A 234 17.76 -8.84 25.93
C HIS A 234 17.40 -7.54 25.29
N LEU A 235 16.19 -7.50 24.78
CA LEU A 235 15.65 -6.36 24.11
C LEU A 235 14.60 -5.74 24.94
N THR A 236 14.44 -4.44 24.93
CA THR A 236 13.34 -3.84 25.66
C THR A 236 12.45 -3.12 24.63
N ILE A 237 11.27 -3.63 24.34
CA ILE A 237 10.44 -3.09 23.27
C ILE A 237 8.99 -3.08 23.71
N PRO A 238 8.15 -2.26 23.06
CA PRO A 238 6.71 -2.28 23.39
C PRO A 238 6.09 -3.64 23.05
N TYR A 239 5.24 -4.13 23.95
CA TYR A 239 4.81 -5.52 23.96
C TYR A 239 3.41 -5.62 24.53
N PHE A 240 2.58 -6.47 23.93
CA PHE A 240 1.26 -6.77 24.45
C PHE A 240 0.92 -8.22 24.10
N ARG A 241 0.66 -9.02 25.12
CA ARG A 241 0.15 -10.37 24.93
C ARG A 241 -1.37 -10.31 25.03
N ASP A 242 -2.04 -10.64 23.93
CA ASP A 242 -3.50 -10.61 23.88
C ASP A 242 -3.99 -12.04 24.02
N GLU A 243 -4.20 -12.46 25.27
CA GLU A 243 -4.69 -13.81 25.51
C GLU A 243 -6.05 -14.02 24.84
N GLU A 244 -6.87 -12.97 24.79
CA GLU A 244 -8.21 -13.11 24.23
C GLU A 244 -8.16 -13.41 22.73
N LEU A 245 -7.25 -12.76 22.00
CA LEU A 245 -7.13 -13.00 20.57
C LEU A 245 -6.05 -14.02 20.22
N SER A 246 -5.41 -14.62 21.21
CA SER A 246 -4.39 -15.65 21.00
C SER A 246 -3.25 -15.12 20.13
N CYS A 247 -2.76 -13.92 20.47
CA CYS A 247 -1.67 -13.33 19.71
C CYS A 247 -0.80 -12.45 20.60
N THR A 248 0.40 -12.21 20.12
CA THR A 248 1.36 -11.31 20.73
C THR A 248 1.66 -10.20 19.74
N VAL A 249 1.63 -8.97 20.22
CA VAL A 249 1.87 -7.78 19.41
C VAL A 249 3.14 -7.14 19.94
N VAL A 250 4.05 -6.80 19.03
CA VAL A 250 5.21 -6.00 19.42
C VAL A 250 5.43 -4.88 18.42
N GLN A 251 6.22 -3.91 18.85
CA GLN A 251 6.68 -2.83 17.98
C GLN A 251 8.20 -2.88 17.96
N LEU A 252 8.76 -3.07 16.77
CA LEU A 252 10.15 -2.78 16.50
C LEU A 252 10.18 -1.40 15.84
N ASN A 253 11.08 -0.54 16.29
CA ASN A 253 10.99 0.89 15.98
C ASN A 253 9.68 1.47 16.50
N GLY A 256 10.83 6.74 13.44
CA GLY A 256 10.34 8.08 13.22
C GLY A 256 8.96 8.28 13.81
N ASN A 257 8.04 8.82 13.00
CA ASN A 257 6.66 9.07 13.42
C ASN A 257 5.69 8.08 12.80
N ALA A 258 6.18 6.92 12.39
CA ALA A 258 5.33 5.81 11.97
C ALA A 258 5.59 4.64 12.91
N SER A 259 4.52 3.97 13.32
CA SER A 259 4.59 2.82 14.21
C SER A 259 4.55 1.55 13.36
N ALA A 260 5.52 0.66 13.57
CA ALA A 260 5.62 -0.61 12.85
C ALA A 260 5.18 -1.72 13.79
N LEU A 261 3.96 -2.20 13.62
CA LEU A 261 3.40 -3.21 14.49
CA LEU A 261 3.39 -3.22 14.49
C LEU A 261 3.63 -4.59 13.87
N PHE A 262 4.14 -5.52 14.66
CA PHE A 262 4.22 -6.92 14.31
C PHE A 262 3.19 -7.67 15.13
N ILE A 263 2.37 -8.48 14.47
CA ILE A 263 1.30 -9.22 15.12
C ILE A 263 1.56 -10.69 14.87
N LEU A 264 1.80 -11.44 15.94
CA LEU A 264 2.16 -12.85 15.83
C LEU A 264 1.06 -13.71 16.44
N PRO A 265 0.17 -14.25 15.62
CA PRO A 265 -0.83 -15.21 16.15
C PRO A 265 -0.15 -16.48 16.62
N ASP A 266 -0.73 -17.10 17.65
CA ASP A 266 -0.32 -18.44 18.01
C ASP A 266 -0.52 -19.37 16.82
N GLN A 267 0.13 -20.54 16.85
CA GLN A 267 0.00 -21.44 15.70
C GLN A 267 -1.46 -21.79 15.45
N ASP A 268 -1.85 -21.76 14.18
CA ASP A 268 -3.21 -22.05 13.71
C ASP A 268 -4.22 -20.99 14.11
N LYS A 269 -3.78 -19.83 14.58
CA LYS A 269 -4.68 -18.76 14.99
C LYS A 269 -4.67 -17.57 14.04
N MET A 270 -3.98 -17.67 12.91
CA MET A 270 -3.94 -16.52 12.01
C MET A 270 -5.34 -16.15 11.50
N GLU A 271 -6.13 -17.13 11.07
CA GLU A 271 -7.47 -16.84 10.55
CA GLU A 271 -7.45 -16.83 10.54
C GLU A 271 -8.33 -16.17 11.61
N GLU A 272 -8.21 -16.61 12.86
CA GLU A 272 -8.96 -16.00 13.95
C GLU A 272 -8.55 -14.56 14.15
N VAL A 273 -7.25 -14.27 14.12
CA VAL A 273 -6.79 -12.90 14.27
C VAL A 273 -7.28 -12.02 13.11
N GLU A 274 -7.16 -12.51 11.87
CA GLU A 274 -7.63 -11.73 10.72
C GLU A 274 -9.10 -11.36 10.90
N ALA A 275 -9.89 -12.27 11.47
CA ALA A 275 -11.32 -12.03 11.64
C ALA A 275 -11.61 -10.91 12.62
N MET A 276 -10.65 -10.56 13.48
CA MET A 276 -10.83 -9.52 14.48
C MET A 276 -10.25 -8.18 14.05
N LEU A 277 -9.59 -8.12 12.90
CA LEU A 277 -8.96 -6.87 12.50
C LEU A 277 -10.01 -5.80 12.24
N SER A 278 -9.78 -4.62 12.81
CA SER A 278 -10.70 -3.49 12.73
C SER A 278 -10.00 -2.31 13.38
N GLN A 279 -10.61 -1.12 13.22
CA GLN A 279 -10.12 0.05 13.93
C GLN A 279 -10.13 -0.17 15.43
N GLU A 280 -11.22 -0.76 15.95
CA GLU A 280 -11.33 -1.03 17.38
C GLU A 280 -10.18 -1.91 17.86
N THR A 281 -9.89 -2.99 17.13
CA THR A 281 -8.83 -3.90 17.54
C THR A 281 -7.47 -3.24 17.45
N LEU A 282 -7.23 -2.46 16.40
CA LEU A 282 -5.94 -1.79 16.27
C LEU A 282 -5.75 -0.79 17.40
N SER A 283 -6.81 -0.06 17.76
CA SER A 283 -6.72 0.89 18.87
C SER A 283 -6.34 0.18 20.16
N ARG A 284 -7.02 -0.93 20.46
CA ARG A 284 -6.70 -1.66 21.68
C ARG A 284 -5.28 -2.19 21.68
N PHE A 285 -4.79 -2.68 20.52
CA PHE A 285 -3.39 -3.06 20.45
C PHE A 285 -2.49 -1.91 20.90
N PHE A 286 -2.63 -0.74 20.25
CA PHE A 286 -1.76 0.38 20.58
C PHE A 286 -1.94 0.83 22.03
N GLU A 287 -3.18 0.84 22.52
CA GLU A 287 -3.44 1.26 23.88
C GLU A 287 -2.82 0.30 24.90
N SER A 288 -2.72 -0.99 24.55
CA SER A 288 -2.31 -2.01 25.49
C SER A 288 -0.82 -2.32 25.46
N LEU A 289 -0.07 -1.75 24.52
CA LEU A 289 1.36 -1.98 24.47
C LEU A 289 2.01 -1.37 25.71
N GLU A 290 3.03 -2.06 26.21
CA GLU A 290 3.85 -1.56 27.31
C GLU A 290 5.26 -2.07 27.08
N PHE A 291 6.25 -1.29 27.53
CA PHE A 291 7.64 -1.71 27.38
C PHE A 291 7.90 -2.93 28.26
N ARG A 292 8.63 -3.88 27.72
CA ARG A 292 8.94 -5.13 28.39
C ARG A 292 10.29 -5.63 27.89
N GLU A 293 11.12 -6.21 28.76
CA GLU A 293 12.37 -6.77 28.39
C GLU A 293 12.05 -8.13 27.80
N ILE A 294 12.52 -8.40 26.62
CA ILE A 294 12.23 -9.63 25.98
C ILE A 294 13.51 -10.41 26.00
N GLY A 295 13.49 -11.65 26.42
CA GLY A 295 14.69 -12.43 26.41
C GLY A 295 15.33 -12.72 25.08
N GLU A 296 14.54 -13.22 24.14
CA GLU A 296 15.05 -13.54 22.84
C GLU A 296 13.97 -13.15 21.83
N LEU A 297 14.38 -12.60 20.71
CA LEU A 297 13.49 -12.30 19.60
C LEU A 297 14.05 -12.95 18.34
N TYR A 298 13.21 -13.69 17.64
CA TYR A 298 13.58 -14.33 16.38
C TYR A 298 12.69 -13.80 15.27
N LEU A 299 13.31 -13.31 14.20
CA LEU A 299 12.56 -12.74 13.04
C LEU A 299 13.23 -13.22 11.76
N PRO A 300 12.49 -13.75 10.78
CA PRO A 300 13.15 -14.21 9.57
C PRO A 300 13.72 -13.07 8.72
N LYS A 301 14.79 -13.40 7.99
CA LYS A 301 15.34 -12.57 6.93
C LYS A 301 14.74 -13.04 5.61
N PHE A 302 14.10 -12.12 4.88
CA PHE A 302 13.35 -12.56 3.71
C PHE A 302 12.99 -11.38 2.83
N SER A 303 12.61 -11.70 1.59
CA SER A 303 12.12 -10.73 0.62
C SER A 303 10.93 -11.38 -0.07
N ILE A 304 9.83 -10.64 -0.17
CA ILE A 304 8.64 -11.13 -0.84
C ILE A 304 8.02 -10.03 -1.68
N SER A 305 7.28 -10.46 -2.70
CA SER A 305 6.69 -9.58 -3.68
C SER A 305 5.31 -10.12 -4.03
N ARG A 306 4.37 -9.21 -4.31
CA ARG A 306 3.08 -9.58 -4.87
C ARG A 306 2.64 -8.51 -5.87
N ASP A 307 1.87 -8.92 -6.86
CA ASP A 307 1.20 -7.96 -7.73
C ASP A 307 -0.23 -8.41 -7.97
N TYR A 308 -1.06 -7.43 -8.30
CA TYR A 308 -2.50 -7.60 -8.29
C TYR A 308 -3.11 -6.76 -9.41
N ASN A 309 -4.22 -7.24 -9.95
CA ASN A 309 -5.19 -6.42 -10.67
C ASN A 309 -6.38 -6.19 -9.74
N LEU A 310 -6.72 -4.93 -9.50
CA LEU A 310 -7.69 -4.57 -8.48
C LEU A 310 -9.10 -4.28 -9.01
N ASN A 311 -9.37 -4.49 -10.31
CA ASN A 311 -10.70 -4.16 -10.85
C ASN A 311 -11.80 -4.87 -10.07
N ASP A 312 -11.67 -6.19 -9.85
CA ASP A 312 -12.75 -6.92 -9.18
C ASP A 312 -13.00 -6.36 -7.80
N ILE A 313 -11.93 -6.08 -7.06
CA ILE A 313 -12.06 -5.56 -5.71
C ILE A 313 -12.67 -4.17 -5.70
N LEU A 314 -12.27 -3.30 -6.63
CA LEU A 314 -12.83 -1.96 -6.67
C LEU A 314 -14.32 -1.99 -7.00
N LEU A 315 -14.72 -2.86 -7.93
CA LEU A 315 -16.15 -3.04 -8.21
CA LEU A 315 -16.14 -3.04 -8.20
C LEU A 315 -16.88 -3.52 -6.97
N GLN A 316 -16.29 -4.45 -6.22
CA GLN A 316 -16.91 -4.92 -4.98
C GLN A 316 -17.06 -3.79 -3.96
N LEU A 317 -16.10 -2.86 -3.91
CA LEU A 317 -16.19 -1.69 -3.04
C LEU A 317 -17.16 -0.62 -3.55
N GLY A 318 -17.80 -0.88 -4.69
CA GLY A 318 -18.82 0.01 -5.21
C GLY A 318 -18.32 1.03 -6.20
N ILE A 319 -17.05 0.96 -6.59
CA ILE A 319 -16.51 1.89 -7.58
C ILE A 319 -16.81 1.26 -8.93
N GLU A 320 -17.97 1.57 -9.49
CA GLU A 320 -18.44 0.88 -10.68
C GLU A 320 -18.59 1.77 -11.90
N GLU A 321 -19.18 2.96 -11.75
CA GLU A 321 -19.47 3.76 -12.93
C GLU A 321 -18.19 4.15 -13.67
N ALA A 322 -17.08 4.28 -12.93
CA ALA A 322 -15.81 4.65 -13.54
C ALA A 322 -15.33 3.66 -14.60
N PHE A 323 -15.82 2.41 -14.56
CA PHE A 323 -15.40 1.34 -15.46
C PHE A 323 -16.36 1.14 -16.64
N THR A 324 -17.44 1.91 -16.72
CA THR A 324 -18.45 1.72 -17.77
C THR A 324 -18.54 2.96 -18.64
N SER A 325 -19.36 2.89 -19.69
CA SER A 325 -19.55 4.05 -20.55
C SER A 325 -20.35 5.17 -19.90
N LYS A 326 -20.92 4.94 -18.72
CA LYS A 326 -21.50 6.04 -17.96
C LYS A 326 -20.46 6.82 -17.16
N ALA A 327 -19.19 6.45 -17.26
CA ALA A 327 -18.16 7.15 -16.49
C ALA A 327 -18.20 8.66 -16.75
N ASP A 328 -18.04 9.44 -15.68
CA ASP A 328 -17.94 10.90 -15.79
C ASP A 328 -16.61 11.35 -15.20
N LEU A 329 -15.62 11.44 -16.08
CA LEU A 329 -14.30 11.99 -15.80
C LEU A 329 -14.13 13.32 -16.56
N SER A 330 -15.25 14.04 -16.74
CA SER A 330 -15.22 15.26 -17.52
C SER A 330 -14.46 16.39 -16.83
N GLY A 331 -14.14 16.27 -15.55
CA GLY A 331 -13.23 17.20 -14.89
C GLY A 331 -11.79 17.09 -15.36
N ILE A 332 -11.47 16.05 -16.10
CA ILE A 332 -10.14 15.89 -16.67
C ILE A 332 -9.99 16.67 -17.98
N THR A 333 -10.97 16.51 -18.89
CA THR A 333 -10.83 16.94 -20.27
C THR A 333 -11.89 17.93 -20.72
N GLY A 334 -12.96 18.10 -19.94
CA GLY A 334 -14.11 18.87 -20.37
C GLY A 334 -15.16 18.09 -21.15
N ALA A 335 -15.03 16.77 -21.24
CA ALA A 335 -16.02 15.92 -21.89
C ALA A 335 -16.01 14.59 -21.18
N ARG A 336 -17.09 13.82 -21.27
CA ARG A 336 -17.13 12.48 -20.66
C ARG A 336 -16.55 11.56 -21.73
N ASN A 337 -15.24 11.66 -21.93
CA ASN A 337 -14.56 10.93 -22.99
C ASN A 337 -13.47 9.99 -22.48
N LEU A 338 -13.50 9.67 -21.19
CA LEU A 338 -12.52 8.76 -20.59
C LEU A 338 -13.20 7.81 -19.62
N ALA A 339 -12.69 6.59 -19.53
CA ALA A 339 -13.15 5.65 -18.51
C ALA A 339 -11.97 4.77 -18.11
N VAL A 340 -12.02 4.27 -16.87
CA VAL A 340 -10.95 3.40 -16.38
C VAL A 340 -11.05 2.04 -17.04
N SER A 341 -9.89 1.49 -17.40
CA SER A 341 -9.79 0.13 -17.95
CA SER A 341 -9.80 0.14 -17.94
C SER A 341 -9.16 -0.86 -16.98
N GLN A 342 -8.04 -0.50 -16.37
CA GLN A 342 -7.32 -1.43 -15.49
C GLN A 342 -6.70 -0.69 -14.32
N VAL A 343 -6.72 -1.31 -13.16
CA VAL A 343 -6.00 -0.85 -11.98
C VAL A 343 -5.06 -1.96 -11.52
N VAL A 344 -3.76 -1.68 -11.48
CA VAL A 344 -2.74 -2.64 -11.07
C VAL A 344 -1.96 -2.10 -9.88
N HIS A 345 -1.44 -3.01 -9.07
CA HIS A 345 -0.69 -2.69 -7.86
C HIS A 345 0.40 -3.73 -7.71
N LYS A 346 1.59 -3.27 -7.33
CA LYS A 346 2.68 -4.18 -7.02
C LYS A 346 3.38 -3.66 -5.77
N ALA A 347 3.85 -4.60 -4.94
CA ALA A 347 4.49 -4.22 -3.68
C ALA A 347 5.55 -5.25 -3.33
N VAL A 348 6.60 -4.77 -2.65
CA VAL A 348 7.74 -5.60 -2.28
CA VAL A 348 7.75 -5.59 -2.28
C VAL A 348 8.16 -5.26 -0.85
N LEU A 349 8.55 -6.29 -0.09
CA LEU A 349 8.96 -6.16 1.30
C LEU A 349 10.27 -6.93 1.50
N ASP A 350 11.29 -6.26 2.05
CA ASP A 350 12.56 -6.89 2.35
C ASP A 350 12.87 -6.63 3.82
N VAL A 351 13.22 -7.68 4.54
CA VAL A 351 13.54 -7.61 5.97
C VAL A 351 14.92 -8.25 6.15
N PHE A 352 15.82 -7.52 6.81
CA PHE A 352 17.21 -7.96 6.93
C PHE A 352 17.78 -7.40 8.24
N GLU A 353 19.05 -7.69 8.49
CA GLU A 353 19.57 -7.50 9.85
C GLU A 353 19.58 -6.03 10.23
N GLU A 354 19.88 -5.16 9.27
CA GLU A 354 20.02 -3.74 9.55
C GLU A 354 18.68 -3.00 9.54
N GLY A 355 17.63 -3.57 8.96
CA GLY A 355 16.36 -2.87 8.89
C GLY A 355 15.46 -3.47 7.81
N THR A 356 14.63 -2.60 7.21
CA THR A 356 13.61 -3.05 6.27
CA THR A 356 13.65 -3.06 6.26
C THR A 356 13.52 -2.08 5.10
N GLU A 357 13.05 -2.59 3.97
CA GLU A 357 12.79 -1.79 2.78
C GLU A 357 11.43 -2.22 2.27
N ARG A 358 10.57 -1.25 1.99
CA ARG A 358 9.22 -1.51 1.48
C ARG A 358 8.98 -0.59 0.30
N SER A 359 8.32 -1.10 -0.74
CA SER A 359 7.99 -0.26 -1.88
C SER A 359 6.69 -0.76 -2.48
N ALA A 360 5.97 0.15 -3.12
CA ALA A 360 4.73 -0.22 -3.80
C ALA A 360 4.44 0.81 -4.88
N ALA A 361 3.62 0.42 -5.84
CA ALA A 361 3.16 1.35 -6.86
C ALA A 361 1.80 0.91 -7.36
N THR A 362 1.02 1.89 -7.83
CA THR A 362 -0.32 1.69 -8.37
C THR A 362 -0.42 2.42 -9.70
N ALA A 363 -1.03 1.79 -10.70
CA ALA A 363 -1.30 2.45 -11.97
C ALA A 363 -2.77 2.30 -12.31
N LEU A 364 -3.38 3.40 -12.74
CA LEU A 364 -4.74 3.41 -13.22
C LEU A 364 -4.69 3.73 -14.70
N GLU A 365 -5.09 2.79 -15.52
CA GLU A 365 -5.06 2.89 -16.98
C GLU A 365 -6.43 3.32 -17.47
N VAL A 366 -6.44 4.27 -18.40
CA VAL A 366 -7.65 4.96 -18.82
C VAL A 366 -7.75 4.91 -20.34
N LEU A 367 -8.93 4.54 -20.86
CA LEU A 367 -9.20 4.47 -22.29
C LEU A 367 -10.18 5.58 -22.71
N PHE A 368 -10.26 5.78 -24.02
CA PHE A 368 -11.16 6.79 -24.56
C PHE A 368 -12.58 6.24 -24.66
N GLN A 369 -13.55 7.14 -24.59
CA GLN A 369 -14.90 6.73 -24.94
C GLN A 369 -15.65 7.83 -25.64
N THR B 8 10.94 -14.08 28.58
CA THR B 8 9.94 -14.03 27.51
C THR B 8 10.62 -14.16 26.14
N ILE B 9 10.02 -14.99 25.29
CA ILE B 9 10.54 -15.26 23.96
C ILE B 9 9.46 -14.91 22.95
N VAL B 10 9.84 -14.18 21.91
CA VAL B 10 8.96 -13.85 20.79
C VAL B 10 9.60 -14.43 19.54
N ARG B 11 8.94 -15.42 18.94
CA ARG B 11 9.53 -16.23 17.88
C ARG B 11 8.64 -16.21 16.65
N PHE B 12 9.08 -15.48 15.62
CA PHE B 12 8.31 -15.34 14.37
C PHE B 12 8.64 -16.49 13.42
N ASN B 13 8.24 -17.71 13.84
CA ASN B 13 8.48 -18.94 13.10
C ASN B 13 7.18 -19.54 12.56
N ARG B 14 6.19 -18.68 12.36
CA ARG B 14 4.86 -19.06 11.90
C ARG B 14 4.22 -17.81 11.31
N PRO B 15 3.12 -17.94 10.55
CA PRO B 15 2.58 -16.76 9.87
C PRO B 15 2.32 -15.58 10.79
N PHE B 16 2.58 -14.38 10.27
CA PHE B 16 2.45 -13.17 11.06
C PHE B 16 2.09 -12.01 10.16
N LEU B 17 1.65 -10.92 10.79
CA LEU B 17 1.24 -9.71 10.11
C LEU B 17 2.16 -8.56 10.49
N MET B 18 2.31 -7.62 9.58
CA MET B 18 3.02 -6.37 9.82
C MET B 18 2.15 -5.23 9.32
N ILE B 19 2.05 -4.16 10.11
CA ILE B 19 1.24 -3.00 9.76
C ILE B 19 2.05 -1.74 10.08
N ILE B 20 2.18 -0.85 9.11
CA ILE B 20 2.86 0.45 9.28
C ILE B 20 1.79 1.53 9.29
N VAL B 21 1.68 2.25 10.40
CA VAL B 21 0.54 3.12 10.66
C VAL B 21 1.02 4.54 10.90
N ASP B 22 0.36 5.51 10.26
CA ASP B 22 0.64 6.92 10.50
C ASP B 22 0.10 7.31 11.88
N ASN B 23 0.98 7.80 12.76
CA ASN B 23 0.57 8.08 14.13
C ASN B 23 -0.58 9.07 14.18
N PHE B 24 -0.54 10.12 13.35
CA PHE B 24 -1.53 11.18 13.45
C PHE B 24 -2.83 10.80 12.74
N THR B 25 -2.74 10.29 11.52
CA THR B 25 -3.92 10.09 10.68
C THR B 25 -4.37 8.64 10.60
N TRP B 26 -3.55 7.69 11.06
CA TRP B 26 -3.89 6.28 10.95
C TRP B 26 -4.05 5.83 9.50
N SER B 27 -3.51 6.61 8.56
CA SER B 27 -3.29 6.08 7.23
C SER B 27 -2.42 4.84 7.38
N ILE B 28 -2.78 3.77 6.69
CA ILE B 28 -1.97 2.57 6.68
C ILE B 28 -1.06 2.66 5.47
N PHE B 29 0.23 2.89 5.71
CA PHE B 29 1.18 3.03 4.61
C PHE B 29 1.51 1.70 3.96
N PHE B 30 1.57 0.62 4.74
CA PHE B 30 1.89 -0.68 4.21
CA PHE B 30 1.93 -0.69 4.24
C PHE B 30 1.29 -1.72 5.16
N MET B 31 0.92 -2.86 4.60
CA MET B 31 0.43 -3.97 5.40
C MET B 31 0.85 -5.26 4.73
N SER B 32 1.25 -6.25 5.53
CA SER B 32 1.69 -7.52 4.97
CA SER B 32 1.66 -7.52 4.95
C SER B 32 1.24 -8.67 5.86
N LYS B 33 0.97 -9.80 5.22
CA LYS B 33 0.84 -11.09 5.88
C LYS B 33 1.93 -11.98 5.30
N VAL B 34 2.79 -12.51 6.17
CA VAL B 34 3.85 -13.41 5.77
C VAL B 34 3.39 -14.82 6.15
N THR B 35 2.98 -15.59 5.15
CA THR B 35 2.67 -16.99 5.37
C THR B 35 3.82 -17.91 4.99
N ASN B 36 4.73 -17.46 4.15
CA ASN B 36 5.89 -18.27 3.77
C ASN B 36 7.00 -17.34 3.32
N PRO B 37 8.03 -17.13 4.14
CA PRO B 37 9.10 -16.21 3.75
C PRO B 37 10.03 -16.75 2.68
N LYS B 38 9.93 -18.01 2.32
CA LYS B 38 10.65 -18.53 1.17
C LYS B 38 9.86 -18.37 -0.13
N GLN B 39 8.62 -17.90 -0.07
CA GLN B 39 7.76 -17.67 -1.24
C GLN B 39 7.98 -18.64 -2.40
C1 EDO C . 23.78 -19.70 7.14
O1 EDO C . 22.87 -20.28 6.20
C2 EDO C . 23.00 -18.81 8.10
O2 EDO C . 21.76 -18.43 7.50
H11 EDO C . 24.53 -19.10 6.61
H12 EDO C . 24.31 -20.48 7.69
HO1 EDO C . 23.36 -20.87 5.61
H21 EDO C . 22.82 -19.35 9.04
H22 EDO C . 23.59 -17.92 8.34
HO2 EDO C . 21.28 -17.86 8.11
C1 EDO D . -6.04 9.13 3.30
O1 EDO D . -5.27 8.29 4.17
C2 EDO D . -5.92 10.60 3.71
O2 EDO D . -6.39 10.75 5.05
H11 EDO D . -7.09 8.83 3.34
H12 EDO D . -5.70 9.01 2.27
HO1 EDO D . -5.37 7.37 3.91
H21 EDO D . -4.88 10.93 3.64
H22 EDO D . -6.52 11.22 3.03
HO2 EDO D . -6.25 11.67 5.34
C1 EDO E . 1.88 20.68 5.84
O1 EDO E . 2.27 22.04 5.64
C2 EDO E . 1.88 19.95 4.49
O2 EDO E . 0.93 20.55 3.61
H11 EDO E . 2.58 20.19 6.52
H12 EDO E . 0.89 20.64 6.29
HO1 EDO E . 2.28 22.50 6.48
H21 EDO E . 2.88 19.99 4.05
H22 EDO E . 1.62 18.89 4.65
HO2 EDO E . 0.71 19.93 2.90
C1 EDO F . -0.05 15.82 -22.83
O1 EDO F . 0.75 16.52 -23.79
C2 EDO F . -1.13 16.75 -22.28
O2 EDO F . -1.92 17.25 -23.37
H11 EDO F . 0.58 15.47 -22.01
H12 EDO F . -0.52 14.96 -23.30
HO1 EDO F . 1.42 15.92 -24.15
H21 EDO F . -0.67 17.59 -21.75
H22 EDO F . -1.77 16.21 -21.58
HO2 EDO F . -2.57 17.87 -23.03
#